data_5WH8
#
_entry.id   5WH8
#
_cell.length_a   49.210
_cell.length_b   75.500
_cell.length_c   88.830
_cell.angle_alpha   90.000
_cell.angle_beta   90.000
_cell.angle_gamma   90.000
#
_symmetry.space_group_name_H-M   'P 21 21 21'
#
loop_
_entity.id
_entity.type
_entity.pdbx_description
1 polymer 'Putative carbohydrate-active enzyme'
2 non-polymer 1,2-ETHANEDIOL
3 non-polymer 'PENTAETHYLENE GLYCOL'
4 non-polymer '2-(N-MORPHOLINO)-ETHANESULFONIC ACID'
5 water water
#
_entity_poly.entity_id   1
_entity_poly.type   'polypeptide(L)'
_entity_poly.pdbx_seq_one_letter_code
;TYPEGSPVYHNGKLSVQGTQMVSECGKPVQLRGMSSHGLAWFPKCYTEASLTALVKDWNIDIFRLAIYTHEWGGYTTNQW
KSKDDYNAYIDNMVDICAKLGIYCIIDWHVLNDGSGDPNYTLDDAIPFWDYMSAKHKDDKHVLYEICNEPNGFDVKWADV
KEYAEAVIPVIRKNDPDKIIICGTPTWSQDVDLAAQDPLSYDNVMYTLHFYSGTHTQYLRDKAQVAINKGLALFVTEFGT
TQASGDGGVYFDECNTWMDWMDARKISWVNWSFADKPESSAALKPGASNSGDWNMVSESGQYIKRKLSQPKSYESCGGHH
HHH
;
_entity_poly.pdbx_strand_id   A
#
# COMPACT_ATOMS: atom_id res chain seq x y z
N THR A 1 -6.96 -21.81 -1.97
CA THR A 1 -7.30 -22.10 -0.58
C THR A 1 -6.43 -21.33 0.41
N TYR A 2 -6.99 -20.32 1.06
CA TYR A 2 -6.22 -19.48 1.97
C TYR A 2 -6.14 -20.13 3.35
N PRO A 3 -5.02 -19.95 4.06
CA PRO A 3 -4.86 -20.69 5.32
C PRO A 3 -5.85 -20.26 6.41
N GLU A 4 -6.36 -21.25 7.13
CA GLU A 4 -7.27 -21.02 8.24
C GLU A 4 -6.75 -19.97 9.21
N GLY A 5 -7.62 -19.04 9.58
CA GLY A 5 -7.31 -18.06 10.60
C GLY A 5 -6.56 -16.85 10.08
N SER A 6 -6.26 -16.83 8.78
CA SER A 6 -5.51 -15.71 8.20
C SER A 6 -6.43 -14.54 7.85
N PRO A 7 -5.85 -13.34 7.69
CA PRO A 7 -6.67 -12.17 7.32
C PRO A 7 -7.53 -12.38 6.06
N VAL A 8 -7.01 -13.04 5.03
CA VAL A 8 -7.78 -13.21 3.78
C VAL A 8 -8.84 -14.32 3.98
N TYR A 9 -8.51 -15.34 4.76
CA TYR A 9 -9.52 -16.34 5.15
C TYR A 9 -10.74 -15.68 5.83
N HIS A 10 -10.47 -14.73 6.72
CA HIS A 10 -11.51 -14.07 7.51
C HIS A 10 -12.37 -13.10 6.69
N ASN A 11 -11.76 -12.41 5.73
CA ASN A 11 -12.46 -11.31 5.04
C ASN A 11 -12.72 -11.50 3.55
N GLY A 12 -12.01 -12.42 2.91
CA GLY A 12 -12.25 -12.72 1.51
C GLY A 12 -11.99 -11.57 0.56
N LYS A 13 -12.73 -11.51 -0.54
CA LYS A 13 -12.57 -10.43 -1.51
C LYS A 13 -13.18 -9.14 -0.99
N LEU A 14 -12.34 -8.12 -0.82
CA LEU A 14 -12.78 -6.82 -0.31
C LEU A 14 -13.38 -5.98 -1.45
N SER A 15 -14.31 -5.09 -1.09
CA SER A 15 -14.84 -4.11 -2.05
C SER A 15 -15.06 -2.77 -1.35
N VAL A 16 -15.45 -1.76 -2.13
CA VAL A 16 -15.70 -0.41 -1.59
C VAL A 16 -17.20 -0.10 -1.59
N GLN A 17 -17.72 0.27 -0.42
CA GLN A 17 -19.11 0.73 -0.28
C GLN A 17 -19.12 2.12 0.35
N GLY A 18 -19.45 3.13 -0.44
CA GLY A 18 -19.38 4.51 -0.01
C GLY A 18 -17.95 4.85 0.39
N THR A 19 -17.78 5.34 1.62
CA THR A 19 -16.46 5.72 2.09
C THR A 19 -15.71 4.59 2.77
N GLN A 20 -16.29 3.39 2.77
CA GLN A 20 -15.77 2.28 3.57
C GLN A 20 -15.39 1.05 2.74
N MET A 21 -14.21 0.52 3.01
CA MET A 21 -13.81 -0.77 2.49
C MET A 21 -14.47 -1.87 3.34
N VAL A 22 -15.12 -2.83 2.68
CA VAL A 22 -15.85 -3.91 3.36
C VAL A 22 -15.38 -5.30 2.92
N SER A 23 -15.64 -6.30 3.77
CA SER A 23 -15.31 -7.69 3.48
C SER A 23 -16.31 -8.33 2.50
N GLU A 24 -16.05 -9.59 2.18
CA GLU A 24 -16.89 -10.34 1.26
C GLU A 24 -18.29 -10.55 1.83
N CYS A 25 -18.44 -10.41 3.16
CA CYS A 25 -19.75 -10.49 3.80
C CYS A 25 -20.30 -9.10 4.17
N GLY A 26 -19.70 -8.05 3.61
CA GLY A 26 -20.24 -6.70 3.73
C GLY A 26 -19.97 -5.95 5.04
N LYS A 27 -19.02 -6.44 5.84
CA LYS A 27 -18.68 -5.80 7.12
C LYS A 27 -17.49 -4.86 6.94
N PRO A 28 -17.50 -3.69 7.60
CA PRO A 28 -16.35 -2.77 7.53
C PRO A 28 -15.05 -3.43 7.99
N VAL A 29 -13.95 -3.17 7.26
CA VAL A 29 -12.63 -3.74 7.56
C VAL A 29 -11.61 -2.63 7.62
N GLN A 30 -10.74 -2.66 8.63
CA GLN A 30 -9.53 -1.82 8.70
C GLN A 30 -8.33 -2.78 8.73
N LEU A 31 -7.46 -2.69 7.72
CA LEU A 31 -6.23 -3.49 7.63
C LEU A 31 -5.04 -2.68 8.10
N ARG A 32 -4.05 -3.37 8.68
CA ARG A 32 -2.83 -2.76 9.18
C ARG A 32 -1.62 -3.56 8.69
N GLY A 33 -0.63 -2.90 8.10
CA GLY A 33 0.54 -3.66 7.68
C GLY A 33 1.77 -2.83 7.38
N MET A 34 2.64 -3.40 6.52
CA MET A 34 3.97 -2.86 6.23
C MET A 34 4.21 -2.72 4.74
N SER A 35 4.97 -1.71 4.38
CA SER A 35 5.49 -1.51 3.02
C SER A 35 6.93 -1.94 2.86
N SER A 36 7.27 -2.52 1.71
CA SER A 36 8.66 -2.66 1.32
C SER A 36 9.27 -1.28 1.14
N HIS A 37 10.60 -1.23 1.18
CA HIS A 37 11.35 -0.10 0.64
C HIS A 37 11.57 -0.45 -0.85
N GLY A 38 12.53 0.18 -1.54
CA GLY A 38 12.79 -0.19 -2.92
C GLY A 38 13.16 -1.66 -3.06
N LEU A 39 12.44 -2.41 -3.90
CA LEU A 39 12.71 -3.86 -4.03
C LEU A 39 14.12 -4.16 -4.56
N ALA A 40 14.60 -3.36 -5.52
CA ALA A 40 15.93 -3.56 -6.08
C ALA A 40 17.04 -3.19 -5.09
N TRP A 41 16.66 -2.48 -4.02
CA TRP A 41 17.64 -2.01 -3.06
C TRP A 41 17.80 -2.91 -1.83
N PHE A 42 16.72 -3.60 -1.43
CA PHE A 42 16.72 -4.48 -0.25
C PHE A 42 16.14 -5.86 -0.53
N PRO A 43 16.58 -6.50 -1.64
CA PRO A 43 15.94 -7.78 -1.96
C PRO A 43 16.08 -8.87 -0.89
N LYS A 44 17.13 -8.85 -0.07
CA LYS A 44 17.27 -9.85 0.98
C LYS A 44 16.18 -9.74 2.04
N CYS A 45 15.53 -8.57 2.13
CA CYS A 45 14.46 -8.35 3.08
C CYS A 45 13.10 -8.93 2.66
N TYR A 46 12.93 -9.39 1.42
CA TYR A 46 11.60 -9.75 0.90
C TYR A 46 11.64 -11.19 0.40
N THR A 47 11.40 -12.09 1.34
CA THR A 47 11.49 -13.54 1.10
C THR A 47 10.35 -14.29 1.76
N GLU A 48 10.24 -15.59 1.48
CA GLU A 48 9.21 -16.36 2.16
C GLU A 48 9.45 -16.29 3.67
N ALA A 49 10.70 -16.40 4.09
CA ALA A 49 11.00 -16.36 5.52
C ALA A 49 10.64 -15.02 6.17
N SER A 50 10.96 -13.91 5.53
CA SER A 50 10.75 -12.62 6.15
C SER A 50 9.26 -12.32 6.21
N LEU A 51 8.54 -12.60 5.13
CA LEU A 51 7.10 -12.36 5.16
C LEU A 51 6.38 -13.32 6.13
N THR A 52 6.88 -14.54 6.29
CA THR A 52 6.32 -15.45 7.29
C THR A 52 6.46 -14.85 8.69
N ALA A 53 7.61 -14.25 9.00
CA ALA A 53 7.81 -13.58 10.29
C ALA A 53 6.86 -12.39 10.43
N LEU A 54 6.70 -11.60 9.36
CA LEU A 54 5.79 -10.47 9.43
C LEU A 54 4.36 -10.92 9.78
N VAL A 55 3.92 -12.02 9.18
CA VAL A 55 2.55 -12.51 9.42
C VAL A 55 2.41 -13.16 10.79
N LYS A 56 3.30 -14.11 11.09
CA LYS A 56 3.18 -14.86 12.33
C LYS A 56 3.60 -14.11 13.59
N ASP A 57 4.63 -13.25 13.48
CA ASP A 57 5.17 -12.52 14.62
C ASP A 57 4.75 -11.04 14.72
N TRP A 58 4.64 -10.33 13.60
CA TRP A 58 4.20 -8.93 13.68
C TRP A 58 2.68 -8.80 13.49
N ASN A 59 2.00 -9.87 13.06
CA ASN A 59 0.55 -9.87 12.92
C ASN A 59 0.04 -8.91 11.81
N ILE A 60 0.78 -8.76 10.72
CA ILE A 60 0.32 -7.87 9.66
C ILE A 60 -0.86 -8.47 8.91
N ASP A 61 -1.69 -7.59 8.35
CA ASP A 61 -2.84 -7.99 7.54
C ASP A 61 -2.58 -7.85 6.05
N ILE A 62 -1.54 -7.07 5.70
CA ILE A 62 -1.31 -6.61 4.34
C ILE A 62 0.18 -6.24 4.17
N PHE A 63 0.74 -6.51 2.98
CA PHE A 63 2.09 -6.11 2.62
C PHE A 63 2.05 -5.37 1.30
N ARG A 64 2.84 -4.31 1.20
CA ARG A 64 2.87 -3.48 -0.01
C ARG A 64 4.22 -3.63 -0.72
N LEU A 65 4.13 -3.91 -2.03
CA LEU A 65 5.27 -4.05 -2.91
C LEU A 65 5.51 -2.73 -3.61
N ALA A 66 6.48 -1.97 -3.13
CA ALA A 66 6.82 -0.68 -3.71
C ALA A 66 7.75 -0.87 -4.90
N ILE A 67 7.17 -0.81 -6.08
CA ILE A 67 7.88 -1.06 -7.34
C ILE A 67 8.31 0.28 -7.93
N TYR A 68 9.50 0.75 -7.55
CA TYR A 68 9.97 2.04 -8.04
C TYR A 68 10.01 2.02 -9.56
N THR A 69 9.58 3.11 -10.19
CA THR A 69 9.62 3.16 -11.64
C THR A 69 10.98 3.70 -12.09
N HIS A 70 11.53 4.60 -11.27
CA HIS A 70 12.78 5.31 -11.56
C HIS A 70 13.78 5.23 -10.40
N GLU A 71 14.89 5.97 -10.53
CA GLU A 71 16.09 5.82 -9.70
C GLU A 71 16.75 4.48 -9.98
N TRP A 72 17.93 4.28 -9.40
CA TRP A 72 18.73 3.12 -9.79
C TRP A 72 17.91 1.84 -9.64
N GLY A 73 17.87 1.03 -10.70
CA GLY A 73 17.21 -0.26 -10.64
C GLY A 73 15.70 -0.23 -10.76
N GLY A 74 15.16 0.96 -11.01
CA GLY A 74 13.72 1.12 -11.15
C GLY A 74 13.17 0.30 -12.31
N TYR A 75 11.87 0.06 -12.31
CA TYR A 75 11.24 -0.80 -13.31
C TYR A 75 11.54 -0.31 -14.72
N THR A 76 11.61 1.00 -14.94
CA THR A 76 11.78 1.50 -16.31
C THR A 76 13.24 1.49 -16.79
N THR A 77 14.17 1.13 -15.91
CA THR A 77 15.61 1.37 -16.15
C THR A 77 16.39 0.22 -16.78
N ASN A 78 15.90 -1.01 -16.63
CA ASN A 78 16.65 -2.21 -17.03
C ASN A 78 18.06 -2.20 -16.44
N GLN A 79 18.20 -1.69 -15.22
CA GLN A 79 19.47 -1.76 -14.49
C GLN A 79 19.61 -2.93 -13.51
N TRP A 80 18.48 -3.46 -13.02
CA TRP A 80 18.52 -4.54 -12.04
C TRP A 80 17.95 -5.83 -12.65
N LYS A 81 16.70 -5.78 -13.10
CA LYS A 81 16.05 -6.86 -13.87
C LYS A 81 15.38 -6.32 -15.13
N SER A 82 15.28 -7.13 -16.19
CA SER A 82 14.41 -6.79 -17.32
C SER A 82 12.98 -6.60 -16.84
N LYS A 83 12.19 -5.79 -17.54
CA LYS A 83 10.81 -5.51 -17.17
C LYS A 83 9.95 -6.77 -16.97
N ASP A 84 10.06 -7.74 -17.88
CA ASP A 84 9.26 -8.96 -17.74
C ASP A 84 9.77 -9.85 -16.60
N ASP A 85 11.07 -9.85 -16.36
CA ASP A 85 11.58 -10.58 -15.20
C ASP A 85 11.21 -9.90 -13.87
N TYR A 86 11.13 -8.58 -13.87
CA TYR A 86 10.69 -7.85 -12.68
C TYR A 86 9.23 -8.26 -12.42
N ASN A 87 8.44 -8.39 -13.49
CA ASN A 87 7.07 -8.91 -13.36
C ASN A 87 7.05 -10.28 -12.67
N ALA A 88 7.98 -11.16 -13.05
CA ALA A 88 8.01 -12.51 -12.49
C ALA A 88 8.36 -12.50 -11.00
N TYR A 89 9.27 -11.61 -10.63
CA TYR A 89 9.64 -11.41 -9.23
C TYR A 89 8.46 -10.92 -8.39
N ILE A 90 7.71 -9.96 -8.94
CA ILE A 90 6.53 -9.43 -8.28
C ILE A 90 5.50 -10.54 -8.09
N ASP A 91 5.30 -11.34 -9.15
CA ASP A 91 4.36 -12.46 -9.09
C ASP A 91 4.73 -13.43 -7.95
N ASN A 92 6.02 -13.70 -7.80
N ASN A 92 6.01 -13.70 -7.77
CA ASN A 92 6.49 -14.57 -6.73
CA ASN A 92 6.42 -14.61 -6.70
C ASN A 92 6.09 -14.02 -5.35
C ASN A 92 6.11 -14.02 -5.31
N MET A 93 6.28 -12.71 -5.16
CA MET A 93 5.91 -12.08 -3.89
C MET A 93 4.40 -12.14 -3.66
N VAL A 94 3.62 -11.90 -4.71
CA VAL A 94 2.15 -12.00 -4.60
C VAL A 94 1.73 -13.43 -4.17
N ASP A 95 2.43 -14.43 -4.70
N ASP A 95 2.41 -14.43 -4.71
CA ASP A 95 2.15 -15.82 -4.37
CA ASP A 95 2.10 -15.82 -4.35
C ASP A 95 2.49 -16.15 -2.91
C ASP A 95 2.47 -16.13 -2.89
N ILE A 96 3.59 -15.59 -2.40
CA ILE A 96 3.97 -15.77 -1.00
C ILE A 96 2.90 -15.17 -0.12
N CYS A 97 2.39 -13.97 -0.47
CA CYS A 97 1.30 -13.39 0.33
C CYS A 97 0.06 -14.28 0.31
N ALA A 98 -0.26 -14.85 -0.85
CA ALA A 98 -1.41 -15.76 -0.95
C ALA A 98 -1.25 -16.97 -0.03
N LYS A 99 -0.05 -17.56 -0.03
CA LYS A 99 0.22 -18.74 0.79
C LYS A 99 0.08 -18.46 2.28
N LEU A 100 0.35 -17.21 2.67
CA LEU A 100 0.24 -16.76 4.06
C LEU A 100 -1.13 -16.16 4.40
N GLY A 101 -1.99 -15.99 3.40
CA GLY A 101 -3.32 -15.43 3.63
C GLY A 101 -3.31 -13.96 4.04
N ILE A 102 -2.41 -13.16 3.46
CA ILE A 102 -2.49 -11.71 3.65
C ILE A 102 -2.71 -10.97 2.35
N TYR A 103 -3.26 -9.77 2.48
CA TYR A 103 -3.52 -8.92 1.32
C TYR A 103 -2.19 -8.36 0.78
N CYS A 104 -2.17 -8.06 -0.52
CA CYS A 104 -0.96 -7.63 -1.19
C CYS A 104 -1.26 -6.44 -2.08
N ILE A 105 -0.59 -5.32 -1.82
CA ILE A 105 -0.69 -4.15 -2.70
C ILE A 105 0.45 -4.18 -3.70
N ILE A 106 0.09 -4.17 -4.99
CA ILE A 106 1.03 -3.97 -6.08
C ILE A 106 1.07 -2.48 -6.34
N ASP A 107 2.19 -1.85 -5.98
CA ASP A 107 2.31 -0.38 -6.03
C ASP A 107 3.27 0.07 -7.14
N TRP A 108 2.70 0.69 -8.18
CA TRP A 108 3.48 1.33 -9.25
C TRP A 108 4.01 2.65 -8.68
N HIS A 109 5.24 2.61 -8.23
CA HIS A 109 5.73 3.59 -7.24
C HIS A 109 6.40 4.77 -7.92
N VAL A 110 5.58 5.63 -8.53
CA VAL A 110 6.04 6.89 -9.13
C VAL A 110 6.47 7.86 -8.01
N LEU A 111 7.54 8.61 -8.26
CA LEU A 111 8.01 9.59 -7.30
C LEU A 111 8.92 10.65 -7.96
N ASN A 112 10.15 10.27 -8.31
CA ASN A 112 11.17 11.23 -8.75
C ASN A 112 11.59 11.06 -10.21
N ASP A 113 12.55 11.87 -10.64
CA ASP A 113 13.11 11.80 -12.00
C ASP A 113 12.05 11.97 -13.11
N GLY A 114 11.01 12.77 -12.85
CA GLY A 114 9.98 13.05 -13.83
C GLY A 114 8.75 12.17 -13.67
N SER A 115 8.87 11.07 -12.95
CA SER A 115 7.72 10.18 -12.79
C SER A 115 6.64 10.78 -11.90
N GLY A 116 6.93 11.93 -11.28
CA GLY A 116 5.98 12.67 -10.45
C GLY A 116 4.69 12.97 -11.20
N ASP A 117 4.80 13.16 -12.51
CA ASP A 117 3.60 13.14 -13.35
C ASP A 117 3.44 11.71 -13.85
N PRO A 118 2.46 10.97 -13.31
CA PRO A 118 2.43 9.54 -13.68
C PRO A 118 2.18 9.31 -15.17
N ASN A 119 1.58 10.27 -15.86
CA ASN A 119 1.42 10.15 -17.31
C ASN A 119 2.73 9.89 -18.03
N TYR A 120 3.84 10.38 -17.45
CA TYR A 120 5.13 10.24 -18.10
C TYR A 120 5.72 8.84 -17.93
N THR A 121 4.97 7.95 -17.26
CA THR A 121 5.36 6.55 -17.17
C THR A 121 4.46 5.60 -17.98
N LEU A 122 3.53 6.15 -18.77
CA LEU A 122 2.50 5.33 -19.41
C LEU A 122 3.02 4.31 -20.42
N ASP A 123 4.13 4.60 -21.09
CA ASP A 123 4.69 3.64 -22.05
C ASP A 123 5.00 2.31 -21.38
N ASP A 124 5.33 2.33 -20.08
CA ASP A 124 5.55 1.11 -19.31
C ASP A 124 4.38 0.74 -18.40
N ALA A 125 3.65 1.75 -17.92
CA ALA A 125 2.54 1.49 -16.99
C ALA A 125 1.38 0.72 -17.63
N ILE A 126 1.09 1.03 -18.89
CA ILE A 126 0.00 0.34 -19.58
C ILE A 126 0.31 -1.17 -19.76
N PRO A 127 1.48 -1.54 -20.33
CA PRO A 127 1.75 -2.99 -20.40
C PRO A 127 1.94 -3.67 -19.05
N PHE A 128 2.48 -2.94 -18.07
CA PHE A 128 2.59 -3.47 -16.70
C PHE A 128 1.22 -3.82 -16.16
N TRP A 129 0.29 -2.87 -16.22
CA TRP A 129 -1.00 -3.08 -15.60
C TRP A 129 -1.86 -4.04 -16.40
N ASP A 130 -1.67 -4.09 -17.73
CA ASP A 130 -2.32 -5.11 -18.57
C ASP A 130 -1.90 -6.50 -18.11
N TYR A 131 -0.59 -6.71 -17.99
CA TYR A 131 -0.07 -7.97 -17.52
C TYR A 131 -0.56 -8.31 -16.11
N MET A 132 -0.42 -7.39 -15.15
CA MET A 132 -0.70 -7.74 -13.77
C MET A 132 -2.17 -8.06 -13.53
N SER A 133 -3.06 -7.33 -14.20
CA SER A 133 -4.49 -7.55 -14.01
C SER A 133 -4.93 -8.85 -14.68
N ALA A 134 -4.35 -9.20 -15.83
CA ALA A 134 -4.62 -10.50 -16.45
C ALA A 134 -4.07 -11.65 -15.57
N LYS A 135 -2.86 -11.50 -15.08
CA LYS A 135 -2.21 -12.56 -14.31
C LYS A 135 -2.90 -12.80 -12.97
N HIS A 136 -3.38 -11.72 -12.35
CA HIS A 136 -3.89 -11.82 -10.98
C HIS A 136 -5.41 -11.65 -10.87
N LYS A 137 -6.11 -11.79 -12.00
CA LYS A 137 -7.58 -11.72 -12.00
C LYS A 137 -8.22 -12.59 -10.92
N ASP A 138 -7.73 -13.82 -10.80
CA ASP A 138 -8.37 -14.79 -9.92
C ASP A 138 -7.77 -14.78 -8.52
N ASP A 139 -6.85 -13.84 -8.27
CA ASP A 139 -6.29 -13.63 -6.93
C ASP A 139 -7.15 -12.64 -6.12
N LYS A 140 -7.85 -13.14 -5.11
CA LYS A 140 -8.77 -12.37 -4.28
C LYS A 140 -8.05 -11.37 -3.40
N HIS A 141 -6.75 -11.59 -3.17
CA HIS A 141 -6.05 -10.86 -2.12
C HIS A 141 -5.25 -9.64 -2.60
N VAL A 142 -5.20 -9.40 -3.91
CA VAL A 142 -4.44 -8.25 -4.42
C VAL A 142 -5.25 -6.95 -4.50
N LEU A 143 -4.55 -5.84 -4.31
CA LEU A 143 -5.09 -4.50 -4.56
C LEU A 143 -4.11 -3.79 -5.48
N TYR A 144 -4.61 -2.94 -6.38
CA TYR A 144 -3.78 -2.30 -7.40
C TYR A 144 -3.60 -0.80 -7.11
N GLU A 145 -2.38 -0.39 -6.72
CA GLU A 145 -2.06 1.01 -6.43
C GLU A 145 -1.35 1.58 -7.67
N ILE A 146 -2.09 2.33 -8.49
CA ILE A 146 -1.66 2.61 -9.86
C ILE A 146 -0.64 3.76 -10.00
N CYS A 147 -0.47 4.60 -8.97
CA CYS A 147 0.56 5.68 -8.96
C CYS A 147 0.81 6.25 -7.55
N ASN A 148 1.82 5.72 -6.88
CA ASN A 148 2.19 6.10 -5.50
C ASN A 148 1.96 7.57 -5.07
N GLU A 149 2.81 8.47 -5.56
CA GLU A 149 2.81 9.89 -5.16
C GLU A 149 3.00 10.83 -6.35
N PRO A 150 1.90 11.17 -7.04
CA PRO A 150 1.94 12.27 -8.00
C PRO A 150 2.49 13.52 -7.30
N ASN A 151 3.37 14.26 -7.95
CA ASN A 151 3.92 15.46 -7.34
C ASN A 151 4.53 16.38 -8.38
N GLY A 152 4.63 17.65 -7.97
CA GLY A 152 5.09 18.74 -8.81
C GLY A 152 4.00 19.79 -8.86
N PHE A 153 4.36 21.06 -9.00
CA PHE A 153 3.33 22.11 -9.11
C PHE A 153 2.54 21.94 -10.43
N ASP A 154 3.18 21.34 -11.42
CA ASP A 154 2.56 21.11 -12.72
C ASP A 154 1.55 19.96 -12.73
N VAL A 155 1.49 19.22 -11.63
CA VAL A 155 0.70 17.99 -11.61
C VAL A 155 -0.55 18.18 -10.76
N LYS A 156 -1.67 18.46 -11.44
CA LYS A 156 -2.95 18.72 -10.79
C LYS A 156 -3.83 17.48 -10.81
N TRP A 157 -4.92 17.53 -10.07
CA TRP A 157 -5.85 16.40 -10.08
C TRP A 157 -6.32 16.08 -11.52
N ALA A 158 -6.59 17.08 -12.35
CA ALA A 158 -6.95 16.83 -13.74
C ALA A 158 -5.96 15.92 -14.46
N ASP A 159 -4.66 16.11 -14.21
CA ASP A 159 -3.63 15.30 -14.83
C ASP A 159 -3.60 13.87 -14.27
N VAL A 160 -3.75 13.73 -12.95
CA VAL A 160 -3.82 12.40 -12.37
C VAL A 160 -5.07 11.65 -12.83
N LYS A 161 -6.19 12.37 -12.94
CA LYS A 161 -7.44 11.76 -13.41
C LYS A 161 -7.30 11.24 -14.85
N GLU A 162 -6.59 11.98 -15.71
CA GLU A 162 -6.36 11.52 -17.07
C GLU A 162 -5.47 10.27 -17.10
N TYR A 163 -4.45 10.21 -16.23
CA TYR A 163 -3.65 9.00 -16.09
C TYR A 163 -4.53 7.82 -15.69
N ALA A 164 -5.36 8.01 -14.67
CA ALA A 164 -6.21 6.95 -14.17
C ALA A 164 -7.22 6.49 -15.23
N GLU A 165 -7.72 7.43 -16.02
CA GLU A 165 -8.69 7.07 -17.06
C GLU A 165 -8.01 6.35 -18.23
N ALA A 166 -6.67 6.39 -18.30
CA ALA A 166 -5.89 5.57 -19.25
C ALA A 166 -5.63 4.16 -18.72
N VAL A 167 -5.25 4.07 -17.45
CA VAL A 167 -4.86 2.79 -16.86
C VAL A 167 -6.06 1.93 -16.38
N ILE A 168 -7.08 2.54 -15.78
CA ILE A 168 -8.14 1.74 -15.17
C ILE A 168 -8.89 0.90 -16.21
N PRO A 169 -9.17 1.45 -17.40
CA PRO A 169 -9.83 0.56 -18.39
C PRO A 169 -8.99 -0.66 -18.79
N VAL A 170 -7.68 -0.50 -18.78
CA VAL A 170 -6.76 -1.59 -19.11
C VAL A 170 -6.82 -2.67 -18.02
N ILE A 171 -6.92 -2.23 -16.77
CA ILE A 171 -7.06 -3.17 -15.66
C ILE A 171 -8.44 -3.86 -15.68
N ARG A 172 -9.49 -3.07 -15.85
CA ARG A 172 -10.85 -3.57 -15.68
C ARG A 172 -11.30 -4.47 -16.83
N LYS A 173 -10.66 -4.37 -17.99
CA LYS A 173 -11.00 -5.31 -19.07
C LYS A 173 -10.57 -6.74 -18.70
N ASN A 174 -9.55 -6.87 -17.85
CA ASN A 174 -9.05 -8.16 -17.38
C ASN A 174 -9.59 -8.61 -16.02
N ASP A 175 -9.78 -7.63 -15.13
CA ASP A 175 -10.06 -7.89 -13.71
C ASP A 175 -11.13 -6.89 -13.24
N PRO A 176 -12.40 -7.24 -13.43
CA PRO A 176 -13.49 -6.28 -13.25
C PRO A 176 -13.77 -5.79 -11.81
N ASP A 177 -13.41 -6.56 -10.79
CA ASP A 177 -13.89 -6.27 -9.42
C ASP A 177 -12.81 -5.89 -8.37
N LYS A 178 -11.56 -5.98 -8.74
CA LYS A 178 -10.44 -5.78 -7.80
C LYS A 178 -10.35 -4.31 -7.42
N ILE A 179 -10.05 -4.00 -6.15
CA ILE A 179 -9.89 -2.61 -5.72
C ILE A 179 -8.68 -1.95 -6.37
N ILE A 180 -8.91 -0.75 -6.90
CA ILE A 180 -7.87 0.13 -7.43
C ILE A 180 -7.74 1.31 -6.49
N ILE A 181 -6.50 1.63 -6.12
CA ILE A 181 -6.21 2.75 -5.20
C ILE A 181 -5.47 3.80 -6.01
N CYS A 182 -6.02 5.01 -6.07
CA CYS A 182 -5.53 6.07 -6.94
C CYS A 182 -4.85 7.19 -6.17
N GLY A 183 -3.59 7.47 -6.51
CA GLY A 183 -2.82 8.53 -5.88
C GLY A 183 -3.42 9.90 -6.14
N THR A 184 -3.02 10.87 -5.33
CA THR A 184 -3.55 12.23 -5.43
C THR A 184 -2.40 13.23 -5.45
N PRO A 185 -2.68 14.48 -5.88
CA PRO A 185 -1.58 15.45 -6.01
C PRO A 185 -0.88 15.83 -4.69
N THR A 186 0.28 16.47 -4.85
CA THR A 186 1.13 16.91 -3.75
C THR A 186 1.50 15.72 -2.82
N TRP A 187 2.08 14.69 -3.45
CA TRP A 187 2.56 13.50 -2.77
C TRP A 187 1.41 12.81 -2.01
N SER A 188 0.31 12.66 -2.74
CA SER A 188 -0.94 12.03 -2.23
C SER A 188 -1.40 12.71 -0.94
N GLN A 189 -1.48 14.05 -1.01
CA GLN A 189 -2.13 14.85 0.03
C GLN A 189 -3.48 15.39 -0.40
N ASP A 190 -3.65 15.69 -1.69
CA ASP A 190 -4.78 16.52 -2.14
C ASP A 190 -6.05 15.67 -2.45
N VAL A 191 -6.43 14.85 -1.49
CA VAL A 191 -7.64 14.06 -1.60
C VAL A 191 -8.86 14.97 -1.67
N ASP A 192 -8.80 16.15 -1.02
CA ASP A 192 -9.90 17.10 -1.07
C ASP A 192 -10.12 17.67 -2.46
N LEU A 193 -9.05 17.78 -3.25
CA LEU A 193 -9.18 18.25 -4.62
C LEU A 193 -9.69 17.15 -5.54
N ALA A 194 -9.27 15.91 -5.32
CA ALA A 194 -9.84 14.81 -6.05
C ALA A 194 -11.36 14.71 -5.82
N ALA A 195 -11.78 15.03 -4.61
CA ALA A 195 -13.19 14.94 -4.22
C ALA A 195 -14.07 15.93 -4.99
N GLN A 196 -13.46 16.94 -5.61
CA GLN A 196 -14.22 17.93 -6.40
C GLN A 196 -14.63 17.36 -7.77
N ASP A 197 -13.94 16.31 -8.22
CA ASP A 197 -14.18 15.73 -9.54
C ASP A 197 -13.75 14.27 -9.52
N PRO A 198 -14.46 13.41 -8.77
CA PRO A 198 -13.99 12.03 -8.61
C PRO A 198 -14.11 11.18 -9.86
N LEU A 199 -13.33 10.09 -9.87
CA LEU A 199 -13.43 9.06 -10.92
C LEU A 199 -14.82 8.40 -10.93
N SER A 200 -15.29 8.01 -12.12
CA SER A 200 -16.64 7.41 -12.22
C SER A 200 -16.69 5.88 -12.10
N TYR A 201 -15.57 5.27 -11.79
CA TYR A 201 -15.49 3.81 -11.71
C TYR A 201 -15.89 3.30 -10.33
N ASP A 202 -16.38 2.06 -10.27
CA ASP A 202 -16.64 1.37 -9.00
C ASP A 202 -15.34 0.84 -8.34
N ASN A 203 -15.43 0.56 -7.04
CA ASN A 203 -14.33 -0.09 -6.29
C ASN A 203 -13.02 0.68 -6.45
N VAL A 204 -13.11 1.99 -6.24
CA VAL A 204 -11.93 2.86 -6.24
C VAL A 204 -11.78 3.53 -4.88
N MET A 205 -10.53 3.54 -4.39
CA MET A 205 -10.15 4.26 -3.18
C MET A 205 -9.06 5.28 -3.54
N TYR A 206 -8.84 6.27 -2.67
CA TYR A 206 -7.92 7.37 -2.91
C TYR A 206 -6.83 7.38 -1.84
N THR A 207 -5.60 7.56 -2.31
CA THR A 207 -4.43 7.54 -1.45
C THR A 207 -4.25 8.78 -0.60
N LEU A 208 -3.99 8.56 0.68
CA LEU A 208 -3.53 9.59 1.61
C LEU A 208 -2.18 9.13 2.21
N HIS A 209 -1.17 9.98 2.12
CA HIS A 209 0.14 9.70 2.74
C HIS A 209 0.49 10.78 3.76
N PHE A 210 0.94 10.35 4.94
CA PHE A 210 1.40 11.30 5.96
C PHE A 210 2.66 10.83 6.64
N TYR A 211 3.41 11.80 7.17
CA TYR A 211 4.61 11.55 7.95
C TYR A 211 4.45 12.38 9.24
N SER A 212 4.50 11.71 10.39
CA SER A 212 4.05 12.33 11.64
C SER A 212 4.96 13.47 12.12
N GLY A 213 6.17 13.56 11.58
CA GLY A 213 7.04 14.68 11.85
C GLY A 213 6.83 15.91 10.97
N THR A 214 5.90 15.79 10.02
CA THR A 214 5.70 16.80 8.98
C THR A 214 4.24 17.22 8.88
N HIS A 215 3.33 16.25 8.89
CA HIS A 215 1.92 16.52 8.59
C HIS A 215 1.07 16.37 9.85
N THR A 216 0.20 17.34 10.08
CA THR A 216 -0.61 17.34 11.29
C THR A 216 -2.07 17.72 10.92
N GLN A 217 -2.70 18.63 11.67
N GLN A 217 -2.68 18.62 11.70
CA GLN A 217 -4.14 18.80 11.55
CA GLN A 217 -4.11 18.92 11.55
C GLN A 217 -4.60 19.35 10.17
C GLN A 217 -4.54 19.28 10.13
N TYR A 218 -3.78 20.14 9.48
CA TYR A 218 -4.13 20.61 8.13
C TYR A 218 -4.44 19.44 7.19
N LEU A 219 -3.59 18.42 7.22
CA LEU A 219 -3.81 17.27 6.34
C LEU A 219 -5.00 16.43 6.78
N ARG A 220 -5.21 16.26 8.09
CA ARG A 220 -6.42 15.56 8.58
C ARG A 220 -7.68 16.30 8.14
N ASP A 221 -7.63 17.64 8.14
CA ASP A 221 -8.80 18.43 7.73
C ASP A 221 -9.07 18.24 6.22
N LYS A 222 -8.02 18.28 5.41
CA LYS A 222 -8.13 17.98 3.98
C LYS A 222 -8.76 16.61 3.74
N ALA A 223 -8.28 15.62 4.50
CA ALA A 223 -8.83 14.27 4.37
C ALA A 223 -10.30 14.25 4.76
N GLN A 224 -10.67 15.01 5.80
CA GLN A 224 -12.07 15.02 6.24
C GLN A 224 -12.98 15.63 5.16
N VAL A 225 -12.49 16.65 4.44
CA VAL A 225 -13.25 17.19 3.29
C VAL A 225 -13.54 16.06 2.29
N ALA A 226 -12.53 15.26 1.95
CA ALA A 226 -12.74 14.16 1.01
C ALA A 226 -13.73 13.12 1.52
N ILE A 227 -13.60 12.74 2.77
CA ILE A 227 -14.53 11.80 3.38
C ILE A 227 -15.97 12.35 3.36
N ASN A 228 -16.13 13.61 3.71
CA ASN A 228 -17.45 14.22 3.74
C ASN A 228 -18.07 14.30 2.35
N LYS A 229 -17.24 14.40 1.33
CA LYS A 229 -17.69 14.39 -0.06
C LYS A 229 -17.79 12.98 -0.69
N GLY A 230 -17.60 11.94 0.13
CA GLY A 230 -17.90 10.58 -0.25
C GLY A 230 -16.76 9.70 -0.72
N LEU A 231 -15.51 10.11 -0.56
CA LEU A 231 -14.37 9.28 -0.98
C LEU A 231 -13.91 8.31 0.11
N ALA A 232 -13.52 7.12 -0.32
CA ALA A 232 -12.92 6.10 0.55
C ALA A 232 -11.41 6.27 0.48
N LEU A 233 -10.78 6.51 1.63
CA LEU A 233 -9.35 6.80 1.69
C LEU A 233 -8.57 5.58 2.18
N PHE A 234 -7.35 5.41 1.68
CA PHE A 234 -6.48 4.30 2.12
C PHE A 234 -5.11 4.90 2.40
N VAL A 235 -4.57 4.73 3.63
CA VAL A 235 -3.22 5.22 3.88
C VAL A 235 -2.22 4.14 3.46
N THR A 236 -1.80 4.15 2.19
CA THR A 236 -0.91 3.11 1.68
C THR A 236 0.54 3.36 2.08
N GLU A 237 0.83 4.52 2.67
CA GLU A 237 2.16 4.80 3.19
C GLU A 237 2.11 5.87 4.28
N PHE A 238 2.71 5.61 5.43
CA PHE A 238 2.98 6.67 6.39
C PHE A 238 4.25 6.34 7.17
N GLY A 239 4.81 7.38 7.78
CA GLY A 239 6.00 7.22 8.60
C GLY A 239 5.89 7.91 9.94
N THR A 240 6.79 7.52 10.84
CA THR A 240 6.86 8.07 12.19
C THR A 240 7.85 9.23 12.27
N THR A 241 8.49 9.53 11.16
CA THR A 241 9.52 10.55 11.04
C THR A 241 8.99 11.74 10.25
N GLN A 242 9.83 12.75 10.04
CA GLN A 242 9.59 13.70 8.97
C GLN A 242 9.59 12.98 7.60
N ALA A 243 9.07 13.67 6.59
CA ALA A 243 8.85 13.06 5.29
C ALA A 243 10.08 12.50 4.55
N SER A 244 11.29 12.94 4.93
CA SER A 244 12.52 12.39 4.35
C SER A 244 12.79 10.95 4.76
N GLY A 245 12.18 10.50 5.84
CA GLY A 245 12.39 9.15 6.33
C GLY A 245 13.50 8.96 7.35
N ASP A 246 14.13 10.05 7.78
CA ASP A 246 15.20 9.97 8.80
C ASP A 246 15.04 11.12 9.79
N GLY A 247 15.82 11.08 10.87
CA GLY A 247 15.80 12.13 11.88
C GLY A 247 15.05 11.66 13.12
N GLY A 248 14.40 12.58 13.81
CA GLY A 248 13.66 12.22 15.00
C GLY A 248 12.44 11.38 14.71
N VAL A 249 11.94 10.70 15.74
CA VAL A 249 10.66 9.98 15.65
C VAL A 249 9.64 10.78 16.45
N TYR A 250 8.41 10.80 15.96
CA TYR A 250 7.32 11.63 16.47
C TYR A 250 6.11 10.77 16.83
N PHE A 251 6.23 10.03 17.91
CA PHE A 251 5.22 9.05 18.27
C PHE A 251 3.94 9.67 18.85
N ASP A 252 4.04 10.82 19.51
CA ASP A 252 2.82 11.47 20.04
C ASP A 252 1.91 11.90 18.88
N GLU A 253 2.49 12.51 17.84
CA GLU A 253 1.70 12.93 16.69
C GLU A 253 1.22 11.69 15.93
N CYS A 254 2.04 10.65 15.84
CA CYS A 254 1.58 9.44 15.18
C CYS A 254 0.41 8.82 15.96
N ASN A 255 0.44 8.89 17.29
CA ASN A 255 -0.70 8.38 18.08
C ASN A 255 -1.99 9.14 17.73
N THR A 256 -1.89 10.45 17.56
CA THR A 256 -3.04 11.25 17.12
C THR A 256 -3.57 10.78 15.77
N TRP A 257 -2.67 10.58 14.81
CA TRP A 257 -3.05 10.02 13.53
C TRP A 257 -3.68 8.64 13.66
N MET A 258 -3.12 7.77 14.52
CA MET A 258 -3.67 6.42 14.69
C MET A 258 -5.07 6.45 15.26
N ASP A 259 -5.32 7.33 16.24
CA ASP A 259 -6.66 7.45 16.82
C ASP A 259 -7.64 7.93 15.75
N TRP A 260 -7.17 8.86 14.94
CA TRP A 260 -7.98 9.47 13.88
C TRP A 260 -8.35 8.43 12.82
N MET A 261 -7.38 7.63 12.41
CA MET A 261 -7.64 6.56 11.44
C MET A 261 -8.56 5.48 12.02
N ASP A 262 -8.34 5.09 13.26
CA ASP A 262 -9.17 4.07 13.89
C ASP A 262 -10.63 4.51 13.94
N ALA A 263 -10.88 5.79 14.24
CA ALA A 263 -12.26 6.27 14.36
C ALA A 263 -12.98 6.24 13.05
N ARG A 264 -12.23 6.31 11.95
CA ARG A 264 -12.75 6.32 10.59
C ARG A 264 -12.57 4.97 9.87
N LYS A 265 -12.02 3.97 10.59
CA LYS A 265 -11.79 2.64 10.03
C LYS A 265 -10.91 2.68 8.76
N ILE A 266 -9.90 3.54 8.77
CA ILE A 266 -9.01 3.74 7.62
C ILE A 266 -7.81 2.81 7.76
N SER A 267 -7.55 2.02 6.71
CA SER A 267 -6.43 1.10 6.66
C SER A 267 -5.10 1.83 6.52
N TRP A 268 -4.03 1.23 7.07
CA TRP A 268 -2.71 1.84 7.09
C TRP A 268 -1.57 0.87 6.85
N VAL A 269 -0.52 1.40 6.21
CA VAL A 269 0.66 0.66 5.82
C VAL A 269 1.90 1.51 6.16
N ASN A 270 2.78 0.99 7.00
CA ASN A 270 3.95 1.74 7.48
C ASN A 270 5.19 1.61 6.58
N TRP A 271 5.84 2.74 6.34
CA TRP A 271 7.16 2.81 5.68
C TRP A 271 8.29 2.75 6.72
N SER A 272 9.21 1.76 6.70
CA SER A 272 9.29 0.66 5.72
C SER A 272 9.87 -0.56 6.42
N PHE A 273 9.62 -1.73 5.86
CA PHE A 273 10.28 -2.96 6.28
C PHE A 273 11.58 -3.12 5.53
N ALA A 274 12.66 -2.63 6.15
CA ALA A 274 13.98 -2.60 5.57
C ALA A 274 14.95 -2.35 6.72
N ASP A 275 16.24 -2.62 6.52
CA ASP A 275 17.25 -2.38 7.56
C ASP A 275 18.24 -1.29 7.18
N LYS A 276 17.82 -0.37 6.32
CA LYS A 276 18.57 0.86 6.04
C LYS A 276 18.79 1.67 7.32
N PRO A 277 19.98 2.28 7.51
CA PRO A 277 20.21 3.01 8.76
C PRO A 277 19.59 4.41 8.73
N GLU A 278 18.26 4.44 8.66
CA GLU A 278 17.49 5.68 8.79
C GLU A 278 16.33 5.37 9.75
N SER A 279 15.86 6.38 10.48
CA SER A 279 14.99 6.09 11.61
C SER A 279 13.60 5.57 11.23
N SER A 280 13.13 5.77 9.99
CA SER A 280 11.83 5.22 9.59
C SER A 280 11.92 3.71 9.28
N ALA A 281 13.13 3.20 9.07
CA ALA A 281 13.32 1.77 8.80
C ALA A 281 12.96 0.97 10.04
N ALA A 282 12.15 -0.09 9.87
CA ALA A 282 11.58 -0.83 11.01
C ALA A 282 12.55 -1.89 11.59
N LEU A 283 13.62 -2.21 10.84
CA LEU A 283 14.64 -3.17 11.30
C LEU A 283 15.96 -2.44 11.60
N LYS A 284 16.68 -2.96 12.59
CA LYS A 284 18.03 -2.48 12.87
C LYS A 284 18.97 -2.86 11.76
N PRO A 285 19.99 -2.02 11.51
CA PRO A 285 20.96 -2.37 10.47
C PRO A 285 21.56 -3.75 10.71
N GLY A 286 21.67 -4.52 9.64
CA GLY A 286 22.22 -5.86 9.73
C GLY A 286 21.21 -6.98 9.93
N ALA A 287 19.93 -6.63 10.14
CA ALA A 287 18.93 -7.67 10.32
C ALA A 287 18.78 -8.56 9.07
N SER A 288 18.99 -8.02 7.88
CA SER A 288 18.86 -8.87 6.68
C SER A 288 20.08 -9.79 6.53
N ASN A 289 21.19 -9.46 7.16
CA ASN A 289 22.37 -10.36 7.16
C ASN A 289 22.16 -11.52 8.12
N SER A 290 21.61 -11.24 9.30
CA SER A 290 21.34 -12.27 10.31
C SER A 290 20.08 -13.08 10.04
N GLY A 291 19.13 -12.48 9.34
CA GLY A 291 17.84 -13.11 9.11
C GLY A 291 16.91 -12.99 10.29
N ASP A 292 17.22 -12.09 11.22
CA ASP A 292 16.40 -11.91 12.41
C ASP A 292 15.36 -10.82 12.17
N TRP A 293 14.22 -11.25 11.66
CA TRP A 293 13.20 -10.34 11.18
C TRP A 293 12.40 -9.68 12.30
N ASN A 294 12.76 -9.96 13.55
CA ASN A 294 12.14 -9.32 14.70
C ASN A 294 13.13 -8.39 15.44
N MET A 295 14.31 -8.19 14.86
CA MET A 295 15.30 -7.26 15.43
C MET A 295 14.94 -5.83 15.03
N VAL A 296 13.94 -5.29 15.72
CA VAL A 296 13.30 -4.02 15.36
C VAL A 296 14.06 -2.80 15.87
N SER A 297 13.96 -1.73 15.11
CA SER A 297 14.38 -0.40 15.51
C SER A 297 13.39 0.22 16.49
N GLU A 298 13.67 1.46 16.94
CA GLU A 298 12.73 2.17 17.81
C GLU A 298 11.38 2.34 17.08
N SER A 299 11.42 2.77 15.83
CA SER A 299 10.18 2.91 15.04
C SER A 299 9.50 1.55 14.80
N GLY A 300 10.27 0.51 14.47
CA GLY A 300 9.70 -0.82 14.30
C GLY A 300 9.03 -1.38 15.56
N GLN A 301 9.62 -1.08 16.71
CA GLN A 301 9.05 -1.53 17.98
C GLN A 301 7.67 -0.90 18.19
N TYR A 302 7.57 0.40 17.91
CA TYR A 302 6.34 1.15 18.06
C TYR A 302 5.26 0.61 17.11
N ILE A 303 5.62 0.40 15.84
CA ILE A 303 4.67 -0.12 14.86
C ILE A 303 4.25 -1.56 15.16
N LYS A 304 5.21 -2.43 15.51
CA LYS A 304 4.89 -3.80 15.88
C LYS A 304 3.92 -3.84 17.07
N ARG A 305 4.10 -2.93 18.02
CA ARG A 305 3.17 -2.83 19.13
C ARG A 305 1.75 -2.40 18.68
N LYS A 306 1.65 -1.45 17.74
CA LYS A 306 0.32 -1.09 17.19
C LYS A 306 -0.32 -2.26 16.43
N LEU A 307 0.47 -3.00 15.68
CA LEU A 307 0.00 -4.17 14.95
C LEU A 307 -0.49 -5.31 15.85
N SER A 308 -0.06 -5.32 17.11
CA SER A 308 -0.39 -6.40 18.03
C SER A 308 -1.75 -6.22 18.68
N GLN A 309 -2.41 -5.09 18.42
CA GLN A 309 -3.74 -4.84 18.97
C GLN A 309 -4.76 -5.80 18.35
N PRO A 310 -5.92 -5.96 19.00
CA PRO A 310 -6.98 -6.79 18.41
C PRO A 310 -7.29 -6.38 16.97
N LYS A 311 -7.57 -7.37 16.13
CA LYS A 311 -7.92 -7.12 14.73
C LYS A 311 -9.10 -6.16 14.62
N SER A 312 -8.99 -5.27 13.65
CA SER A 312 -10.01 -4.26 13.38
C SER A 312 -10.95 -4.75 12.26
N TYR A 313 -11.41 -5.98 12.44
CA TYR A 313 -12.42 -6.58 11.59
C TYR A 313 -13.03 -7.75 12.34
N GLU A 314 -14.18 -8.19 11.86
CA GLU A 314 -14.86 -9.36 12.39
C GLU A 314 -14.97 -10.40 11.27
N SER A 315 -14.61 -11.64 11.59
CA SER A 315 -14.60 -12.68 10.58
C SER A 315 -15.96 -12.84 9.90
N CYS A 316 -15.93 -13.23 8.62
CA CYS A 316 -17.16 -13.55 7.92
C CYS A 316 -17.76 -14.87 8.37
N GLY A 317 -16.97 -15.64 9.09
CA GLY A 317 -17.47 -16.87 9.71
C GLY A 317 -17.42 -18.04 8.76
N GLY A 318 -18.34 -18.99 8.93
CA GLY A 318 -18.35 -20.18 8.10
C GLY A 318 -17.00 -20.86 8.18
N HIS A 319 -16.42 -20.92 9.37
CA HIS A 319 -15.11 -21.55 9.54
C HIS A 319 -15.11 -23.04 9.26
N HIS A 320 -16.30 -23.62 9.16
CA HIS A 320 -16.43 -25.06 8.93
C HIS A 320 -16.25 -25.39 7.44
N HIS A 321 -16.02 -24.36 6.62
CA HIS A 321 -15.67 -24.53 5.21
C HIS A 321 -14.24 -24.06 4.93
N HIS A 322 -13.58 -24.68 3.95
CA HIS A 322 -12.34 -24.11 3.42
C HIS A 322 -12.71 -22.85 2.63
N HIS A 323 -11.81 -21.88 2.62
CA HIS A 323 -12.08 -20.59 1.94
C HIS A 323 -11.10 -20.38 0.79
#